data_1MJH
#
_entry.id   1MJH
#
_cell.length_a   95.530
_cell.length_b   96.080
_cell.length_c   37.500
_cell.angle_alpha   90.00
_cell.angle_beta   90.00
_cell.angle_gamma   90.00
#
_symmetry.space_group_name_H-M   'P 21 21 2'
#
loop_
_entity.id
_entity.type
_entity.pdbx_description
1 polymer 'PROTEIN (ATP-BINDING DOMAIN OF PROTEIN MJ0577)'
2 non-polymer 'MANGANESE (II) ION'
3 non-polymer "ADENOSINE-5'-TRIPHOSPHATE"
4 water water
#
_entity_poly.entity_id   1
_entity_poly.type   'polypeptide(L)'
_entity_poly.pdbx_seq_one_letter_code
;MSVMYKKILYPTDFSETAEIALKHVKAFKTLKAEEVILLHVIDEREIKKRDIFSLLLGVAGLNKSVEEFENELKNKLTEE
AKNKMENIKKELEDVGFKVKDIIVVGIPHEEIVKIAEDEGVDIIIMGSHGKTNLKEILLGSVTENVIKKSNKPVLVVKRK
NS
;
_entity_poly.pdbx_strand_id   A,B
#
loop_
_chem_comp.id
_chem_comp.type
_chem_comp.name
_chem_comp.formula
ATP non-polymer ADENOSINE-5'-TRIPHOSPHATE 'C10 H16 N5 O13 P3'
MN non-polymer 'MANGANESE (II) ION' 'Mn 2'
#
# COMPACT_ATOMS: atom_id res chain seq x y z
N VAL A 3 -6.20 -10.42 10.52
CA VAL A 3 -4.96 -10.14 9.74
C VAL A 3 -3.72 -10.25 10.62
N MET A 4 -2.67 -10.96 10.20
CA MET A 4 -1.41 -10.98 10.91
C MET A 4 -0.26 -10.87 9.90
N TYR A 5 0.66 -9.93 10.05
CA TYR A 5 1.76 -9.82 9.11
C TYR A 5 2.96 -10.66 9.52
N LYS A 6 2.83 -11.99 9.32
CA LYS A 6 3.95 -12.85 9.75
C LYS A 6 5.00 -13.01 8.68
N LYS A 7 4.54 -12.96 7.41
CA LYS A 7 5.45 -13.19 6.30
C LYS A 7 5.31 -12.08 5.24
N ILE A 8 6.41 -11.41 5.00
CA ILE A 8 6.42 -10.26 4.08
C ILE A 8 7.19 -10.59 2.80
N LEU A 9 6.62 -10.13 1.64
CA LEU A 9 7.42 -10.25 0.41
C LEU A 9 8.00 -8.87 0.13
N TYR A 10 9.35 -8.84 0.11
CA TYR A 10 10.01 -7.57 -0.20
C TYR A 10 10.77 -7.70 -1.51
N PRO A 11 10.15 -7.30 -2.61
CA PRO A 11 10.82 -7.34 -3.93
C PRO A 11 11.64 -6.07 -4.15
N THR A 12 12.94 -6.29 -4.40
CA THR A 12 13.83 -5.15 -4.62
C THR A 12 14.54 -5.14 -5.96
N ASP A 13 14.68 -3.97 -6.54
CA ASP A 13 15.46 -3.74 -7.74
C ASP A 13 16.73 -2.96 -7.35
N PHE A 14 17.00 -2.86 -6.06
CA PHE A 14 18.17 -2.15 -5.52
C PHE A 14 18.16 -0.67 -5.82
N SER A 15 16.98 -0.09 -6.06
CA SER A 15 16.84 1.34 -6.36
C SER A 15 16.77 2.13 -5.08
N GLU A 16 16.83 3.46 -5.26
CA GLU A 16 16.77 4.32 -4.07
C GLU A 16 15.37 4.26 -3.44
N THR A 17 14.36 4.09 -4.31
CA THR A 17 13.01 4.02 -3.68
C THR A 17 12.78 2.69 -2.99
N ALA A 18 13.34 1.61 -3.55
CA ALA A 18 13.29 0.30 -2.89
C ALA A 18 13.99 0.34 -1.54
N GLU A 19 15.05 1.20 -1.44
CA GLU A 19 15.76 1.33 -0.15
C GLU A 19 14.94 2.00 0.95
N ILE A 20 14.08 2.92 0.53
CA ILE A 20 13.11 3.56 1.43
C ILE A 20 12.15 2.46 1.88
N ALA A 21 11.73 1.64 0.90
CA ALA A 21 10.80 0.56 1.31
C ALA A 21 11.38 -0.40 2.31
N LEU A 22 12.70 -0.63 2.27
CA LEU A 22 13.36 -1.49 3.25
C LEU A 22 13.21 -0.98 4.70
N LYS A 23 13.14 0.34 4.89
CA LYS A 23 12.89 0.85 6.25
C LYS A 23 11.51 0.42 6.75
N HIS A 24 10.53 0.38 5.82
CA HIS A 24 9.19 -0.04 6.21
C HIS A 24 9.14 -1.52 6.52
N VAL A 25 9.86 -2.39 5.79
CA VAL A 25 9.98 -3.78 6.12
C VAL A 25 10.51 -3.96 7.56
N LYS A 26 11.56 -3.20 7.89
CA LYS A 26 12.12 -3.30 9.25
C LYS A 26 11.13 -2.78 10.31
N ALA A 27 10.31 -1.81 9.95
CA ALA A 27 9.31 -1.30 10.91
C ALA A 27 8.24 -2.33 11.18
N PHE A 28 8.06 -3.36 10.32
CA PHE A 28 7.09 -4.39 10.57
C PHE A 28 7.55 -5.37 11.61
N LYS A 29 8.81 -5.25 12.08
CA LYS A 29 9.26 -6.24 13.06
C LYS A 29 8.54 -5.92 14.37
N THR A 30 8.09 -6.94 15.07
CA THR A 30 7.50 -7.01 16.36
C THR A 30 8.30 -7.98 17.25
N LEU A 31 7.66 -8.51 18.29
CA LEU A 31 8.25 -9.48 19.20
C LEU A 31 8.08 -10.91 18.68
N LYS A 32 7.18 -11.07 17.71
CA LYS A 32 6.85 -12.39 17.20
C LYS A 32 7.82 -12.80 16.11
N ALA A 33 7.83 -14.08 15.77
CA ALA A 33 8.69 -14.57 14.70
C ALA A 33 8.16 -14.06 13.36
N GLU A 34 9.02 -13.40 12.60
CA GLU A 34 8.59 -12.85 11.32
C GLU A 34 9.59 -13.34 10.27
N GLU A 35 9.09 -13.38 9.03
CA GLU A 35 9.87 -13.85 7.92
C GLU A 35 9.78 -12.92 6.70
N VAL A 36 10.89 -12.71 6.03
CA VAL A 36 10.90 -11.88 4.85
C VAL A 36 11.33 -12.78 3.69
N ILE A 37 10.49 -12.76 2.64
CA ILE A 37 10.93 -13.31 1.36
C ILE A 37 11.57 -12.16 0.62
N LEU A 38 12.89 -12.20 0.40
CA LEU A 38 13.63 -11.14 -0.22
C LEU A 38 13.85 -11.53 -1.67
N LEU A 39 13.25 -10.79 -2.61
CA LEU A 39 13.26 -11.24 -4.01
C LEU A 39 13.80 -10.21 -4.97
N HIS A 40 14.67 -10.64 -5.89
CA HIS A 40 15.19 -9.87 -6.96
C HIS A 40 14.94 -10.55 -8.31
N VAL A 41 14.28 -9.91 -9.24
CA VAL A 41 14.06 -10.51 -10.56
C VAL A 41 15.01 -9.87 -11.55
N ILE A 42 15.79 -10.73 -12.27
CA ILE A 42 16.58 -10.21 -13.39
C ILE A 42 15.69 -10.19 -14.63
N ASP A 43 15.46 -8.97 -15.15
CA ASP A 43 14.41 -8.86 -16.20
C ASP A 43 14.89 -9.44 -17.51
N GLU A 44 14.20 -10.50 -17.92
CA GLU A 44 14.61 -11.22 -19.13
C GLU A 44 14.49 -10.39 -20.39
N ARG A 45 13.61 -9.40 -20.38
CA ARG A 45 13.38 -8.53 -21.51
C ARG A 45 14.57 -7.60 -21.72
N GLU A 46 15.45 -7.39 -20.75
CA GLU A 46 16.60 -6.53 -20.90
C GLU A 46 17.88 -7.28 -21.24
N ILE A 47 17.75 -8.61 -21.31
CA ILE A 47 18.81 -9.50 -21.71
C ILE A 47 18.72 -9.85 -23.19
N LYS A 48 17.52 -10.17 -23.64
CA LYS A 48 17.30 -10.59 -25.01
C LYS A 48 17.97 -9.65 -26.01
N VAL A 66 27.20 -13.13 -29.33
CA VAL A 66 25.81 -12.59 -29.12
C VAL A 66 25.08 -13.45 -28.09
N GLU A 67 25.14 -14.78 -28.20
CA GLU A 67 24.54 -15.66 -27.20
C GLU A 67 25.50 -15.80 -26.02
N GLU A 68 26.78 -15.65 -26.33
CA GLU A 68 27.85 -15.63 -25.34
C GLU A 68 27.87 -14.25 -24.66
N PHE A 69 27.33 -13.26 -25.37
CA PHE A 69 27.18 -11.90 -24.87
C PHE A 69 26.09 -11.87 -23.80
N GLU A 70 25.01 -12.61 -24.05
CA GLU A 70 23.89 -12.71 -23.13
C GLU A 70 24.29 -13.36 -21.81
N ASN A 71 24.96 -14.51 -21.94
CA ASN A 71 25.44 -15.26 -20.79
C ASN A 71 26.39 -14.41 -19.96
N GLU A 72 27.28 -13.69 -20.63
CA GLU A 72 28.20 -12.77 -19.97
C GLU A 72 27.42 -11.70 -19.21
N LEU A 73 26.41 -11.13 -19.84
CA LEU A 73 25.58 -10.12 -19.18
C LEU A 73 24.82 -10.74 -18.01
N LYS A 74 24.22 -11.89 -18.24
CA LYS A 74 23.51 -12.67 -17.25
C LYS A 74 24.35 -12.94 -16.00
N ASN A 75 25.59 -13.39 -16.21
CA ASN A 75 26.49 -13.69 -15.12
C ASN A 75 26.82 -12.45 -14.29
N LYS A 76 27.08 -11.36 -15.02
CA LYS A 76 27.40 -10.12 -14.31
C LYS A 76 26.16 -9.66 -13.50
N LEU A 77 24.98 -9.75 -14.09
CA LEU A 77 23.78 -9.36 -13.33
C LEU A 77 23.57 -10.28 -12.14
N THR A 78 23.76 -11.60 -12.30
CA THR A 78 23.58 -12.52 -11.17
C THR A 78 24.58 -12.25 -10.07
N GLU A 79 25.85 -12.07 -10.49
CA GLU A 79 26.90 -11.77 -9.52
C GLU A 79 26.59 -10.47 -8.74
N GLU A 80 26.20 -9.45 -9.46
CA GLU A 80 25.90 -8.16 -8.82
C GLU A 80 24.66 -8.30 -7.94
N ALA A 81 23.65 -9.04 -8.40
CA ALA A 81 22.50 -9.26 -7.52
C ALA A 81 22.81 -9.98 -6.24
N LYS A 82 23.61 -11.07 -6.28
CA LYS A 82 23.99 -11.82 -5.09
C LYS A 82 24.75 -10.97 -4.07
N ASN A 83 25.61 -10.09 -4.54
CA ASN A 83 26.37 -9.22 -3.63
C ASN A 83 25.46 -8.21 -2.92
N LYS A 84 24.54 -7.61 -3.68
CA LYS A 84 23.59 -6.69 -3.06
C LYS A 84 22.61 -7.41 -2.16
N MET A 85 22.16 -8.60 -2.51
CA MET A 85 21.17 -9.35 -1.72
C MET A 85 21.77 -9.85 -0.41
N GLU A 86 23.07 -10.23 -0.42
CA GLU A 86 23.74 -10.66 0.80
C GLU A 86 23.72 -9.60 1.92
N ASN A 87 23.97 -8.36 1.57
CA ASN A 87 23.97 -7.27 2.54
C ASN A 87 22.59 -6.92 3.06
N ILE A 88 21.58 -6.95 2.16
CA ILE A 88 20.20 -6.74 2.65
C ILE A 88 19.77 -7.83 3.56
N LYS A 89 20.07 -9.11 3.21
CA LYS A 89 19.72 -10.25 4.01
C LYS A 89 20.30 -10.12 5.43
N LYS A 90 21.55 -9.69 5.54
CA LYS A 90 22.15 -9.61 6.90
C LYS A 90 21.50 -8.50 7.71
N GLU A 91 21.22 -7.38 7.02
CA GLU A 91 20.58 -6.23 7.70
C GLU A 91 19.21 -6.63 8.19
N LEU A 92 18.48 -7.47 7.40
CA LEU A 92 17.21 -7.98 7.90
C LEU A 92 17.33 -8.99 9.02
N GLU A 93 18.30 -9.91 8.96
CA GLU A 93 18.53 -10.90 10.02
C GLU A 93 18.98 -10.21 11.32
N ASP A 94 19.77 -9.17 11.20
CA ASP A 94 20.19 -8.38 12.37
C ASP A 94 19.05 -7.76 13.14
N VAL A 95 17.85 -7.60 12.56
CA VAL A 95 16.73 -7.07 13.32
C VAL A 95 15.82 -8.22 13.71
N GLY A 96 16.22 -9.45 13.39
CA GLY A 96 15.60 -10.66 13.80
C GLY A 96 14.67 -11.34 12.80
N PHE A 97 14.74 -10.95 11.53
CA PHE A 97 13.84 -11.70 10.62
C PHE A 97 14.46 -13.03 10.22
N LYS A 98 13.68 -14.05 9.87
CA LYS A 98 14.19 -15.18 9.09
C LYS A 98 14.10 -14.73 7.61
N VAL A 99 15.13 -14.85 6.80
CA VAL A 99 15.04 -14.33 5.43
C VAL A 99 15.19 -15.47 4.44
N LYS A 100 14.27 -15.56 3.49
CA LYS A 100 14.38 -16.52 2.37
C LYS A 100 14.69 -15.70 1.14
N ASP A 101 15.91 -15.66 0.66
CA ASP A 101 16.39 -14.89 -0.46
C ASP A 101 16.24 -15.65 -1.78
N ILE A 102 15.63 -15.00 -2.78
CA ILE A 102 15.33 -15.61 -4.08
C ILE A 102 15.72 -14.70 -5.21
N ILE A 103 16.43 -15.28 -6.22
CA ILE A 103 16.83 -14.60 -7.41
C ILE A 103 16.28 -15.45 -8.57
N VAL A 104 15.54 -14.81 -9.46
CA VAL A 104 14.98 -15.46 -10.63
C VAL A 104 15.14 -14.56 -11.83
N VAL A 105 15.23 -15.20 -12.98
CA VAL A 105 15.28 -14.48 -14.27
C VAL A 105 13.89 -14.60 -14.89
N GLY A 106 13.25 -13.44 -15.18
CA GLY A 106 11.91 -13.52 -15.78
C GLY A 106 11.32 -12.12 -15.95
N ILE A 107 10.00 -12.02 -15.89
CA ILE A 107 9.38 -10.67 -16.02
C ILE A 107 9.05 -10.19 -14.61
N PRO A 108 9.60 -9.08 -14.11
CA PRO A 108 9.51 -8.70 -12.72
C PRO A 108 8.11 -8.73 -12.14
N HIS A 109 7.12 -8.05 -12.75
CA HIS A 109 5.79 -8.03 -12.11
C HIS A 109 5.16 -9.42 -12.05
N GLU A 110 5.40 -10.25 -13.06
CA GLU A 110 4.83 -11.57 -13.06
C GLU A 110 5.43 -12.47 -11.96
N GLU A 111 6.73 -12.42 -11.86
CA GLU A 111 7.46 -13.18 -10.83
C GLU A 111 7.12 -12.75 -9.42
N ILE A 112 6.85 -11.45 -9.22
CA ILE A 112 6.49 -10.96 -7.86
C ILE A 112 5.10 -11.46 -7.51
N VAL A 113 4.14 -11.43 -8.45
CA VAL A 113 2.78 -11.94 -8.22
C VAL A 113 2.83 -13.45 -7.92
N LYS A 114 3.57 -14.18 -8.75
CA LYS A 114 3.68 -15.65 -8.58
C LYS A 114 4.33 -16.04 -7.27
N ILE A 115 5.44 -15.36 -6.90
CA ILE A 115 6.14 -15.78 -5.65
C ILE A 115 5.44 -15.33 -4.41
N ALA A 116 4.67 -14.20 -4.43
CA ALA A 116 3.88 -13.79 -3.30
C ALA A 116 2.81 -14.88 -3.03
N GLU A 117 2.22 -15.42 -4.11
CA GLU A 117 1.24 -16.49 -3.94
C GLU A 117 1.89 -17.77 -3.43
N ASP A 118 3.00 -18.13 -4.13
CA ASP A 118 3.61 -19.46 -3.79
C ASP A 118 4.20 -19.51 -2.40
N GLU A 119 4.62 -18.34 -1.91
CA GLU A 119 5.14 -18.31 -0.51
C GLU A 119 4.10 -18.04 0.53
N GLY A 120 2.83 -17.80 0.20
CA GLY A 120 1.77 -17.51 1.13
C GLY A 120 2.10 -16.27 1.99
N VAL A 121 2.55 -15.19 1.32
CA VAL A 121 2.85 -14.00 2.16
C VAL A 121 1.59 -13.30 2.63
N ASP A 122 1.75 -12.46 3.67
CA ASP A 122 0.64 -11.70 4.24
C ASP A 122 0.57 -10.29 3.63
N ILE A 123 1.69 -9.86 3.10
CA ILE A 123 1.79 -8.51 2.56
C ILE A 123 2.99 -8.37 1.64
N ILE A 124 2.94 -7.53 0.63
CA ILE A 124 4.01 -7.15 -0.25
C ILE A 124 4.37 -5.70 0.08
N ILE A 125 5.63 -5.46 0.39
CA ILE A 125 6.04 -4.06 0.71
C ILE A 125 7.03 -3.65 -0.38
N MET A 126 6.75 -2.58 -1.12
CA MET A 126 7.58 -2.26 -2.29
C MET A 126 7.63 -0.76 -2.57
N GLY A 127 8.54 -0.31 -3.43
CA GLY A 127 8.52 1.12 -3.76
C GLY A 127 7.46 1.52 -4.73
N SER A 128 7.20 2.85 -4.81
CA SER A 128 6.31 3.30 -5.89
C SER A 128 7.02 3.36 -7.23
N HIS A 129 8.34 3.56 -7.14
CA HIS A 129 9.23 3.75 -8.30
C HIS A 129 10.50 2.96 -8.09
N GLY A 130 11.36 2.96 -9.13
CA GLY A 130 12.48 2.02 -9.15
C GLY A 130 13.71 2.61 -9.82
N LYS A 131 14.31 1.79 -10.68
CA LYS A 131 15.54 2.28 -11.31
C LYS A 131 15.24 3.30 -12.37
N THR A 132 14.04 3.37 -12.96
CA THR A 132 13.82 4.36 -14.01
C THR A 132 13.55 5.71 -13.35
N ASN A 133 12.56 5.71 -12.49
CA ASN A 133 12.18 6.86 -11.66
C ASN A 133 12.12 8.13 -12.48
N LEU A 134 11.29 8.17 -13.51
CA LEU A 134 11.12 9.38 -14.33
C LEU A 134 10.18 10.32 -13.60
N LYS A 135 10.57 11.60 -13.47
CA LYS A 135 9.72 12.54 -12.72
C LYS A 135 8.25 12.49 -13.10
N GLU A 136 7.92 12.53 -14.39
CA GLU A 136 6.58 12.61 -14.91
C GLU A 136 5.71 11.37 -14.62
N ILE A 137 6.40 10.25 -14.41
CA ILE A 137 5.68 8.99 -14.14
C ILE A 137 5.30 8.98 -12.67
N LEU A 138 4.00 8.74 -12.39
CA LEU A 138 3.58 8.86 -10.99
C LEU A 138 3.43 7.52 -10.26
N LEU A 139 3.59 6.47 -11.06
CA LEU A 139 3.61 5.12 -10.38
C LEU A 139 4.34 4.23 -11.39
N GLY A 140 5.34 3.56 -10.91
CA GLY A 140 6.10 2.64 -11.74
C GLY A 140 5.22 1.50 -12.27
N SER A 141 5.64 0.90 -13.38
CA SER A 141 4.80 -0.15 -13.99
C SER A 141 4.88 -1.47 -13.24
N VAL A 142 5.97 -1.70 -12.51
CA VAL A 142 6.02 -2.96 -11.75
C VAL A 142 4.97 -2.92 -10.62
N THR A 143 4.99 -1.79 -9.88
CA THR A 143 4.01 -1.64 -8.77
C THR A 143 2.58 -1.56 -9.27
N GLU A 144 2.31 -0.87 -10.38
CA GLU A 144 0.96 -0.86 -10.91
C GLU A 144 0.50 -2.26 -11.26
N ASN A 145 1.36 -3.03 -11.95
CA ASN A 145 0.93 -4.40 -12.30
C ASN A 145 0.74 -5.23 -11.04
N VAL A 146 1.67 -5.15 -10.09
CA VAL A 146 1.48 -6.04 -8.91
C VAL A 146 0.22 -5.72 -8.17
N ILE A 147 -0.10 -4.43 -7.92
CA ILE A 147 -1.38 -4.06 -7.31
C ILE A 147 -2.58 -4.57 -8.10
N LYS A 148 -2.56 -4.49 -9.41
CA LYS A 148 -3.73 -4.91 -10.16
C LYS A 148 -3.82 -6.42 -10.30
N LYS A 149 -2.71 -7.17 -10.27
CA LYS A 149 -2.78 -8.61 -10.56
C LYS A 149 -2.73 -9.45 -9.29
N SER A 150 -2.05 -9.00 -8.23
CA SER A 150 -1.99 -9.77 -6.99
C SER A 150 -3.22 -9.62 -6.12
N ASN A 151 -3.62 -10.66 -5.36
CA ASN A 151 -4.67 -10.42 -4.36
C ASN A 151 -4.11 -10.16 -2.98
N LYS A 152 -2.78 -9.95 -2.84
CA LYS A 152 -2.14 -9.68 -1.56
C LYS A 152 -2.20 -8.16 -1.27
N PRO A 153 -2.31 -7.80 -0.02
CA PRO A 153 -2.22 -6.38 0.39
C PRO A 153 -0.84 -5.87 -0.06
N VAL A 154 -0.76 -4.64 -0.58
CA VAL A 154 0.51 -4.05 -1.03
C VAL A 154 0.68 -2.71 -0.32
N LEU A 155 1.85 -2.62 0.38
CA LEU A 155 2.21 -1.32 0.97
C LEU A 155 3.14 -0.64 -0.05
N VAL A 156 2.65 0.44 -0.62
CA VAL A 156 3.41 1.25 -1.59
C VAL A 156 4.15 2.34 -0.80
N VAL A 157 5.48 2.32 -0.94
CA VAL A 157 6.30 3.34 -0.26
C VAL A 157 6.78 4.32 -1.30
N LYS A 158 6.47 5.63 -1.16
CA LYS A 158 6.71 6.57 -2.21
C LYS A 158 8.22 6.99 -2.30
N ARG A 159 8.54 7.39 -3.51
CA ARG A 159 9.87 7.88 -3.82
C ARG A 159 10.16 9.15 -3.00
N LYS A 160 11.45 9.53 -3.07
CA LYS A 160 11.75 10.83 -2.38
C LYS A 160 10.96 11.93 -3.01
N ASN A 161 10.67 13.01 -2.26
CA ASN A 161 9.97 14.16 -2.76
C ASN A 161 10.90 15.10 -3.55
N SER A 162 12.20 14.95 -3.39
CA SER A 162 13.22 15.71 -4.09
C SER A 162 13.22 15.52 -5.61
N VAL B 3 10.87 5.40 10.53
CA VAL B 3 9.42 5.06 10.28
C VAL B 3 8.77 4.51 11.53
N MET B 4 7.59 5.04 11.89
CA MET B 4 6.80 4.53 13.00
C MET B 4 5.34 4.73 12.59
N TYR B 5 4.47 3.76 12.75
CA TYR B 5 3.10 3.97 12.30
C TYR B 5 2.26 4.39 13.50
N LYS B 6 2.41 5.63 13.94
CA LYS B 6 1.65 6.14 15.09
C LYS B 6 0.30 6.67 14.67
N LYS B 7 0.19 7.31 13.51
CA LYS B 7 -1.07 7.91 13.08
C LYS B 7 -1.46 7.41 11.71
N ILE B 8 -2.64 6.79 11.61
CA ILE B 8 -3.14 6.20 10.36
C ILE B 8 -4.32 6.99 9.79
N LEU B 9 -4.34 7.15 8.47
CA LEU B 9 -5.53 7.73 7.81
C LEU B 9 -6.33 6.54 7.27
N TYR B 10 -7.61 6.41 7.62
CA TYR B 10 -8.41 5.32 7.11
C TYR B 10 -9.65 5.94 6.47
N PRO B 11 -9.60 6.16 5.17
CA PRO B 11 -10.72 6.73 4.44
C PRO B 11 -11.67 5.60 4.03
N THR B 12 -12.94 5.75 4.40
CA THR B 12 -13.89 4.69 4.07
C THR B 12 -15.09 5.22 3.31
N ASP B 13 -15.57 4.46 2.33
CA ASP B 13 -16.79 4.74 1.61
C ASP B 13 -17.87 3.74 2.02
N PHE B 14 -17.64 3.04 3.12
CA PHE B 14 -18.58 2.03 3.66
C PHE B 14 -18.78 0.86 2.71
N SER B 15 -17.82 0.61 1.83
CA SER B 15 -17.95 -0.51 0.88
C SER B 15 -17.44 -1.81 1.47
N GLU B 16 -17.81 -2.96 0.87
CA GLU B 16 -17.27 -4.22 1.36
C GLU B 16 -15.75 -4.21 1.38
N THR B 17 -15.12 -3.68 0.31
CA THR B 17 -13.65 -3.70 0.31
C THR B 17 -13.09 -2.77 1.40
N ALA B 18 -13.68 -1.61 1.61
CA ALA B 18 -13.19 -0.75 2.72
C ALA B 18 -13.31 -1.51 4.04
N GLU B 19 -14.37 -2.33 4.24
CA GLU B 19 -14.47 -3.12 5.49
C GLU B 19 -13.37 -4.13 5.63
N ILE B 20 -12.83 -4.72 4.51
CA ILE B 20 -11.66 -5.54 4.62
C ILE B 20 -10.49 -4.70 5.13
N ALA B 21 -10.33 -3.53 4.54
CA ALA B 21 -9.22 -2.63 4.97
C ALA B 21 -9.32 -2.30 6.45
N LEU B 22 -10.51 -2.19 7.06
CA LEU B 22 -10.60 -1.98 8.51
C LEU B 22 -9.88 -3.05 9.28
N LYS B 23 -9.94 -4.33 8.82
CA LYS B 23 -9.23 -5.40 9.49
C LYS B 23 -7.72 -5.09 9.60
N HIS B 24 -7.18 -4.49 8.53
CA HIS B 24 -5.74 -4.16 8.50
C HIS B 24 -5.47 -2.96 9.40
N VAL B 25 -6.37 -1.98 9.47
CA VAL B 25 -6.17 -0.90 10.45
C VAL B 25 -6.04 -1.48 11.86
N LYS B 26 -6.95 -2.40 12.18
CA LYS B 26 -6.90 -3.05 13.52
C LYS B 26 -5.62 -3.80 13.72
N ALA B 27 -5.05 -4.44 12.68
CA ALA B 27 -3.80 -5.16 12.83
C ALA B 27 -2.60 -4.29 13.11
N PHE B 28 -2.68 -2.99 12.78
CA PHE B 28 -1.57 -2.09 13.06
C PHE B 28 -1.50 -1.74 14.56
N LYS B 29 -2.50 -2.09 15.37
CA LYS B 29 -2.42 -1.77 16.80
C LYS B 29 -1.30 -2.52 17.51
N THR B 30 -0.47 -1.90 18.32
CA THR B 30 0.49 -2.54 19.21
C THR B 30 0.18 -2.13 20.65
N LEU B 31 1.17 -2.18 21.55
CA LEU B 31 1.01 -1.75 22.92
C LEU B 31 1.20 -0.23 23.05
N LYS B 32 1.74 0.39 22.01
CA LYS B 32 2.03 1.83 22.07
C LYS B 32 0.77 2.62 21.84
N ALA B 33 0.86 3.93 21.99
CA ALA B 33 -0.32 4.77 21.77
C ALA B 33 -0.48 5.05 20.28
N GLU B 34 -1.66 4.84 19.68
CA GLU B 34 -1.83 5.09 18.25
C GLU B 34 -3.18 5.73 17.94
N GLU B 35 -3.18 6.37 16.76
CA GLU B 35 -4.35 7.17 16.45
C GLU B 35 -4.87 6.89 15.04
N VAL B 36 -6.18 6.88 14.88
CA VAL B 36 -6.74 6.74 13.53
C VAL B 36 -7.49 7.99 13.16
N ILE B 37 -7.26 8.55 11.97
CA ILE B 37 -8.06 9.57 11.35
C ILE B 37 -9.13 8.86 10.51
N LEU B 38 -10.40 8.88 10.98
CA LEU B 38 -11.41 8.13 10.23
C LEU B 38 -12.17 9.07 9.35
N LEU B 39 -12.06 8.87 8.04
CA LEU B 39 -12.57 9.87 7.11
C LEU B 39 -13.58 9.38 6.10
N HIS B 40 -14.73 10.05 5.95
CA HIS B 40 -15.64 9.80 4.87
C HIS B 40 -15.88 11.08 4.08
N VAL B 41 -15.77 10.96 2.76
CA VAL B 41 -16.01 12.12 1.88
C VAL B 41 -17.33 11.94 1.20
N ILE B 42 -18.21 12.95 1.41
CA ILE B 42 -19.40 13.04 0.56
C ILE B 42 -19.07 13.61 -0.80
N ASP B 43 -19.20 12.84 -1.90
CA ASP B 43 -18.79 13.33 -3.20
C ASP B 43 -19.65 14.52 -3.63
N GLU B 44 -19.05 15.68 -3.82
CA GLU B 44 -19.79 16.85 -4.29
C GLU B 44 -20.23 16.75 -5.75
N ARG B 45 -19.51 16.02 -6.59
CA ARG B 45 -19.84 15.89 -8.00
C ARG B 45 -21.17 15.17 -8.18
N GLU B 46 -21.40 14.16 -7.35
CA GLU B 46 -22.66 13.43 -7.35
C GLU B 46 -23.80 14.32 -6.90
N ILE B 47 -23.65 15.05 -5.80
CA ILE B 47 -24.69 15.98 -5.35
C ILE B 47 -25.21 16.79 -6.54
N LYS B 48 -24.33 17.36 -7.35
CA LYS B 48 -24.69 18.05 -8.57
C LYS B 48 -25.43 17.16 -9.56
N SER B 65 -34.61 27.50 -3.08
CA SER B 65 -33.64 28.00 -4.10
C SER B 65 -32.63 26.92 -4.51
N VAL B 66 -31.86 27.22 -5.55
CA VAL B 66 -30.80 26.32 -6.01
C VAL B 66 -29.77 26.07 -4.91
N GLU B 67 -29.19 27.15 -4.41
CA GLU B 67 -28.22 27.09 -3.33
C GLU B 67 -28.81 26.45 -2.09
N GLU B 68 -30.01 26.89 -1.70
CA GLU B 68 -30.69 26.30 -0.55
C GLU B 68 -30.81 24.79 -0.73
N PHE B 69 -31.32 24.35 -1.88
CA PHE B 69 -31.44 22.92 -2.17
C PHE B 69 -30.14 22.14 -1.98
N GLU B 70 -29.01 22.68 -2.42
CA GLU B 70 -27.71 22.07 -2.28
C GLU B 70 -27.30 21.90 -0.81
N ASN B 71 -27.50 22.95 -0.02
CA ASN B 71 -27.17 22.95 1.39
C ASN B 71 -27.96 21.88 2.14
N GLU B 72 -29.26 21.83 1.90
CA GLU B 72 -30.12 20.86 2.56
C GLU B 72 -29.71 19.44 2.17
N LEU B 73 -29.39 19.26 0.88
CA LEU B 73 -28.97 17.95 0.41
C LEU B 73 -27.66 17.51 1.06
N LYS B 74 -26.70 18.43 1.14
CA LYS B 74 -25.42 18.14 1.80
C LYS B 74 -25.62 17.75 3.25
N ASN B 75 -26.54 18.42 3.95
CA ASN B 75 -26.87 18.07 5.32
C ASN B 75 -27.49 16.69 5.43
N LYS B 76 -28.30 16.30 4.45
CA LYS B 76 -28.91 14.96 4.51
C LYS B 76 -27.84 13.88 4.33
N LEU B 77 -26.87 14.06 3.43
CA LEU B 77 -25.89 12.98 3.23
C LEU B 77 -25.03 12.76 4.47
N THR B 78 -24.65 13.86 5.08
CA THR B 78 -23.88 13.89 6.32
C THR B 78 -24.51 13.07 7.43
N GLU B 79 -25.78 13.40 7.72
CA GLU B 79 -26.52 12.67 8.74
C GLU B 79 -26.57 11.18 8.46
N GLU B 80 -26.80 10.83 7.19
CA GLU B 80 -26.89 9.42 6.84
C GLU B 80 -25.56 8.69 6.91
N ALA B 81 -24.40 9.33 7.01
CA ALA B 81 -23.11 8.70 7.16
C ALA B 81 -22.62 8.62 8.61
N LYS B 82 -23.27 9.34 9.51
CA LYS B 82 -22.91 9.41 10.90
C LYS B 82 -23.11 8.11 11.63
N ASN B 83 -24.21 7.39 11.35
CA ASN B 83 -24.37 6.13 12.10
C ASN B 83 -23.31 5.10 11.72
N LYS B 84 -22.97 5.05 10.42
CA LYS B 84 -21.90 4.11 10.02
C LYS B 84 -20.60 4.50 10.66
N MET B 85 -20.23 5.80 10.68
CA MET B 85 -18.98 6.23 11.26
C MET B 85 -18.91 5.95 12.76
N GLU B 86 -20.05 6.11 13.47
CA GLU B 86 -20.04 5.81 14.90
C GLU B 86 -19.72 4.37 15.23
N ASN B 87 -20.26 3.39 14.49
CA ASN B 87 -19.99 1.99 14.69
C ASN B 87 -18.49 1.73 14.45
N ILE B 88 -17.91 2.32 13.39
CA ILE B 88 -16.46 2.09 13.16
C ILE B 88 -15.58 2.72 14.26
N LYS B 89 -15.94 3.96 14.60
CA LYS B 89 -15.22 4.67 15.66
C LYS B 89 -15.26 3.88 16.95
N LYS B 90 -16.40 3.30 17.35
CA LYS B 90 -16.45 2.46 18.52
C LYS B 90 -15.63 1.17 18.38
N GLU B 91 -15.65 0.56 17.18
CA GLU B 91 -14.85 -0.68 17.02
C GLU B 91 -13.38 -0.34 17.24
N LEU B 92 -12.93 0.80 16.64
CA LEU B 92 -11.51 1.15 16.76
C LEU B 92 -11.10 1.59 18.17
N GLU B 93 -12.00 2.28 18.86
CA GLU B 93 -11.73 2.70 20.25
C GLU B 93 -11.61 1.51 21.15
N ASP B 94 -12.41 0.47 20.87
CA ASP B 94 -12.36 -0.76 21.64
C ASP B 94 -11.05 -1.50 21.54
N VAL B 95 -10.31 -1.33 20.43
CA VAL B 95 -8.99 -1.93 20.35
C VAL B 95 -7.90 -1.02 20.90
N GLY B 96 -8.24 0.20 21.30
CA GLY B 96 -7.24 1.02 22.00
C GLY B 96 -6.88 2.26 21.22
N PHE B 97 -7.40 2.45 20.00
CA PHE B 97 -7.01 3.65 19.27
C PHE B 97 -7.72 4.90 19.81
N LYS B 98 -7.04 6.04 19.56
CA LYS B 98 -7.72 7.33 19.66
C LYS B 98 -8.26 7.60 18.26
N VAL B 99 -9.49 8.04 18.11
CA VAL B 99 -10.06 8.23 16.78
C VAL B 99 -10.58 9.63 16.56
N LYS B 100 -10.11 10.24 15.46
CA LYS B 100 -10.63 11.53 15.05
C LYS B 100 -11.50 11.29 13.82
N ASP B 101 -12.82 11.43 14.02
CA ASP B 101 -13.71 11.17 12.86
C ASP B 101 -14.03 12.43 12.09
N ILE B 102 -13.88 12.40 10.78
CA ILE B 102 -14.17 13.50 9.86
C ILE B 102 -15.11 13.14 8.74
N ILE B 103 -16.16 13.94 8.51
CA ILE B 103 -17.04 13.86 7.39
C ILE B 103 -16.93 15.19 6.64
N VAL B 104 -16.62 15.13 5.36
CA VAL B 104 -16.44 16.38 4.62
C VAL B 104 -17.06 16.23 3.23
N VAL B 105 -17.64 17.30 2.70
CA VAL B 105 -18.21 17.28 1.36
C VAL B 105 -17.10 17.71 0.41
N GLY B 106 -16.87 16.97 -0.68
CA GLY B 106 -15.81 17.39 -1.59
C GLY B 106 -15.46 16.27 -2.59
N ILE B 107 -14.36 16.41 -3.26
CA ILE B 107 -13.92 15.37 -4.23
C ILE B 107 -13.15 14.34 -3.39
N PRO B 108 -13.55 13.06 -3.34
CA PRO B 108 -12.91 12.11 -2.45
C PRO B 108 -11.41 12.03 -2.59
N HIS B 109 -10.84 11.83 -3.79
CA HIS B 109 -9.39 11.64 -3.82
C HIS B 109 -8.61 12.88 -3.39
N GLU B 110 -9.18 14.05 -3.70
CA GLU B 110 -8.50 15.30 -3.26
C GLU B 110 -8.53 15.52 -1.78
N GLU B 111 -9.67 15.20 -1.12
CA GLU B 111 -9.74 15.36 0.30
C GLU B 111 -8.89 14.37 1.05
N ILE B 112 -8.78 13.11 0.54
CA ILE B 112 -7.92 12.15 1.23
C ILE B 112 -6.48 12.61 1.23
N VAL B 113 -6.05 13.11 0.02
CA VAL B 113 -4.67 13.58 -0.07
C VAL B 113 -4.43 14.78 0.83
N LYS B 114 -5.36 15.72 0.84
CA LYS B 114 -5.21 16.94 1.64
C LYS B 114 -5.16 16.65 3.13
N ILE B 115 -6.10 15.80 3.59
CA ILE B 115 -6.21 15.47 5.00
C ILE B 115 -5.08 14.59 5.45
N ALA B 116 -4.52 13.70 4.58
CA ALA B 116 -3.36 12.97 5.02
C ALA B 116 -2.16 13.91 5.31
N GLU B 117 -2.05 14.91 4.43
CA GLU B 117 -0.98 15.91 4.67
C GLU B 117 -1.27 16.81 5.88
N ASP B 118 -2.53 17.24 6.03
CA ASP B 118 -2.84 18.21 7.13
C ASP B 118 -2.70 17.57 8.48
N GLU B 119 -3.14 16.30 8.61
CA GLU B 119 -3.05 15.57 9.88
C GLU B 119 -1.69 14.96 10.17
N GLY B 120 -0.71 14.99 9.27
CA GLY B 120 0.60 14.40 9.45
C GLY B 120 0.59 12.90 9.69
N VAL B 121 -0.19 12.17 8.87
CA VAL B 121 -0.26 10.73 9.12
C VAL B 121 1.01 10.02 8.67
N ASP B 122 1.25 8.82 9.16
CA ASP B 122 2.35 7.93 8.81
C ASP B 122 1.99 6.93 7.68
N ILE B 123 0.69 6.78 7.42
CA ILE B 123 0.32 5.76 6.41
C ILE B 123 -1.17 5.97 6.11
N ILE B 124 -1.57 5.67 4.91
CA ILE B 124 -2.98 5.64 4.54
C ILE B 124 -3.34 4.17 4.31
N ILE B 125 -4.38 3.65 4.96
CA ILE B 125 -4.77 2.22 4.74
C ILE B 125 -6.16 2.25 4.05
N MET B 126 -6.29 1.70 2.85
CA MET B 126 -7.56 1.88 2.08
C MET B 126 -7.83 0.64 1.24
N GLY B 127 -9.08 0.53 0.73
CA GLY B 127 -9.33 -0.63 -0.15
C GLY B 127 -8.83 -0.36 -1.56
N SER B 128 -8.68 -1.46 -2.34
CA SER B 128 -8.37 -1.32 -3.76
C SER B 128 -9.60 -0.88 -4.57
N HIS B 129 -10.80 -1.20 -4.08
CA HIS B 129 -12.06 -0.91 -4.75
C HIS B 129 -13.08 -0.47 -3.69
N GLY B 130 -14.25 -0.08 -4.18
CA GLY B 130 -15.18 0.64 -3.32
C GLY B 130 -16.62 0.34 -3.69
N LYS B 131 -17.45 1.37 -3.68
CA LYS B 131 -18.89 1.06 -3.93
C LYS B 131 -19.15 0.68 -5.38
N THR B 132 -18.36 1.07 -6.40
CA THR B 132 -18.62 0.58 -7.75
C THR B 132 -18.22 -0.86 -7.92
N ASN B 133 -16.95 -1.16 -7.55
CA ASN B 133 -16.41 -2.50 -7.67
C ASN B 133 -16.87 -3.27 -8.90
N LEU B 134 -16.49 -2.74 -10.06
CA LEU B 134 -16.76 -3.46 -11.35
C LEU B 134 -15.64 -4.45 -11.57
N LYS B 135 -16.02 -5.72 -11.88
CA LYS B 135 -15.03 -6.77 -12.05
C LYS B 135 -13.92 -6.45 -13.02
N GLU B 136 -14.22 -5.76 -14.14
CA GLU B 136 -13.19 -5.49 -15.12
C GLU B 136 -12.22 -4.41 -14.65
N ILE B 137 -12.60 -3.64 -13.64
CA ILE B 137 -11.72 -2.56 -13.17
C ILE B 137 -10.76 -3.18 -12.13
N LEU B 138 -9.44 -3.01 -12.39
CA LEU B 138 -8.47 -3.66 -11.50
C LEU B 138 -7.92 -2.75 -10.39
N LEU B 139 -8.35 -1.50 -10.40
CA LEU B 139 -7.96 -0.62 -9.27
C LEU B 139 -8.91 0.59 -9.36
N GLY B 140 -9.56 0.87 -8.24
CA GLY B 140 -10.55 1.98 -8.23
C GLY B 140 -9.80 3.31 -8.46
N SER B 141 -10.55 4.31 -8.92
CA SER B 141 -10.00 5.61 -9.26
C SER B 141 -9.64 6.42 -8.02
N VAL B 142 -10.30 6.18 -6.85
CA VAL B 142 -9.84 7.01 -5.71
C VAL B 142 -8.48 6.54 -5.23
N THR B 143 -8.32 5.17 -5.15
CA THR B 143 -7.02 4.63 -4.75
C THR B 143 -5.92 4.95 -5.74
N GLU B 144 -6.21 4.80 -7.04
CA GLU B 144 -5.15 5.15 -8.02
C GLU B 144 -4.76 6.62 -7.90
N ASN B 145 -5.71 7.52 -7.74
CA ASN B 145 -5.31 8.94 -7.57
C ASN B 145 -4.60 9.21 -6.26
N VAL B 146 -5.02 8.58 -5.14
CA VAL B 146 -4.29 8.82 -3.90
C VAL B 146 -2.87 8.29 -3.95
N ILE B 147 -2.64 7.11 -4.57
CA ILE B 147 -1.25 6.65 -4.62
C ILE B 147 -0.39 7.61 -5.46
N LYS B 148 -0.89 8.05 -6.58
CA LYS B 148 -0.15 8.92 -7.51
C LYS B 148 0.00 10.33 -6.96
N LYS B 149 -0.95 10.76 -6.13
CA LYS B 149 -0.83 12.21 -5.76
C LYS B 149 -0.31 12.39 -4.37
N SER B 150 -0.55 11.51 -3.40
CA SER B 150 0.00 11.64 -2.06
C SER B 150 1.44 11.20 -1.96
N ASN B 151 2.23 11.80 -1.05
CA ASN B 151 3.57 11.28 -0.80
C ASN B 151 3.63 10.39 0.43
N LYS B 152 2.42 9.96 0.92
CA LYS B 152 2.38 9.10 2.08
C LYS B 152 2.44 7.63 1.65
N PRO B 153 2.89 6.74 2.50
CA PRO B 153 2.81 5.30 2.22
C PRO B 153 1.34 4.91 2.16
N VAL B 154 0.98 4.10 1.15
CA VAL B 154 -0.41 3.64 1.04
C VAL B 154 -0.49 2.11 1.06
N LEU B 155 -1.18 1.61 2.07
CA LEU B 155 -1.47 0.14 2.12
C LEU B 155 -2.75 -0.08 1.34
N VAL B 156 -2.70 -0.79 0.22
CA VAL B 156 -3.84 -1.09 -0.61
C VAL B 156 -4.33 -2.52 -0.30
N VAL B 157 -5.52 -2.62 0.27
CA VAL B 157 -6.08 -3.90 0.66
C VAL B 157 -7.02 -4.36 -0.45
N LYS B 158 -6.80 -5.56 -0.99
CA LYS B 158 -7.58 -5.90 -2.20
C LYS B 158 -8.97 -6.39 -1.88
N ARG B 159 -9.83 -6.25 -2.91
CA ARG B 159 -11.22 -6.70 -2.78
C ARG B 159 -11.29 -8.23 -2.68
N LYS B 160 -12.48 -8.70 -2.29
CA LYS B 160 -12.62 -10.19 -2.24
C LYS B 160 -12.29 -10.81 -3.58
N ASN B 161 -11.86 -12.09 -3.51
CA ASN B 161 -11.54 -12.85 -4.72
C ASN B 161 -12.86 -13.33 -5.36
N SER B 162 -12.93 -13.22 -6.67
CA SER B 162 -14.18 -13.36 -7.43
C SER B 162 -15.45 -13.03 -6.63
MN MN C . 11.67 -0.53 -12.99
PG ATP D . 9.43 1.34 -14.84
O1G ATP D . 8.07 1.09 -15.27
O2G ATP D . 10.11 0.07 -14.62
O3G ATP D . 10.25 2.08 -15.83
PB ATP D . 10.32 2.38 -12.22
O1B ATP D . 10.53 3.79 -11.81
O2B ATP D . 11.60 1.71 -12.40
O3B ATP D . 9.42 2.30 -13.53
PA ATP D . 9.14 0.10 -10.73
O1A ATP D . 7.71 -0.12 -10.95
O2A ATP D . 9.95 -0.80 -11.54
O3A ATP D . 9.46 1.64 -11.09
O5' ATP D . 9.61 0.00 -9.25
C5' ATP D . 8.61 -0.09 -8.15
C4' ATP D . 9.11 -1.14 -7.17
O4' ATP D . 9.02 -2.40 -7.90
C3' ATP D . 10.60 -1.07 -6.77
O3' ATP D . 10.79 -0.11 -5.68
C2' ATP D . 10.76 -2.54 -6.25
O2' ATP D . 10.19 -2.67 -4.92
C1' ATP D . 9.92 -3.32 -7.32
N9 ATP D . 10.73 -3.82 -8.42
C8 ATP D . 11.00 -3.30 -9.64
N7 ATP D . 11.76 -4.04 -10.42
C5 ATP D . 12.04 -5.10 -9.69
C6 ATP D . 12.81 -6.22 -9.93
N6 ATP D . 13.44 -6.43 -11.11
N1 ATP D . 12.90 -7.12 -8.96
C2 ATP D . 12.27 -7.00 -7.73
N3 ATP D . 11.55 -5.94 -7.47
C4 ATP D . 11.46 -5.04 -8.44
MN MN E . -15.76 4.71 -5.55
PG ATP F . -14.70 4.14 -8.77
O1G ATP F . -13.47 4.59 -9.50
O2G ATP F . -15.02 5.11 -7.78
O3G ATP F . -15.83 3.88 -9.66
PB ATP F . -14.51 1.96 -6.79
O1B ATP F . -14.63 0.51 -7.05
O2B ATP F . -15.69 2.47 -6.11
O3B ATP F . -14.22 2.71 -8.14
PA ATP F . -12.60 3.46 -5.07
O1A ATP F . -11.38 3.87 -5.71
O2A ATP F . -13.61 4.45 -4.86
O3A ATP F . -13.20 2.19 -5.91
O5' ATP F . -12.47 2.77 -3.65
C5' ATP F . -11.12 2.52 -3.16
C4' ATP F . -11.05 2.92 -1.70
O4' ATP F . -11.08 4.40 -1.66
C3' ATP F . -12.19 2.51 -0.79
O3' ATP F . -12.08 1.15 -0.33
C2' ATP F . -12.04 3.56 0.33
O2' ATP F . -10.97 3.16 1.21
C1' ATP F . -11.67 4.83 -0.49
N9 ATP F . -12.83 5.68 -0.78
C8 ATP F . -13.58 5.74 -1.89
N7 ATP F . -14.50 6.69 -1.87
C5 ATP F . -14.36 7.24 -0.68
C6 ATP F . -15.06 8.28 -0.09
N6 ATP F . -16.06 8.88 -0.73
N1 ATP F . -14.69 8.64 1.13
C2 ATP F . -13.64 8.02 1.77
N3 ATP F . -12.91 7.01 1.28
C4 ATP F . -13.38 6.68 0.06
#